data_1VEP
#
_entry.id   1VEP
#
_cell.length_a   57.450
_cell.length_b   92.695
_cell.length_c   65.755
_cell.angle_alpha   90.00
_cell.angle_beta   102.37
_cell.angle_gamma   90.00
#
_symmetry.space_group_name_H-M   'P 1 21 1'
#
loop_
_entity.id
_entity.type
_entity.pdbx_description
1 polymer Beta-amylase
2 branched alpha-D-glucopyranose-(1-4)-beta-D-glucopyranose
3 branched alpha-D-glucopyranose-(1-4)-alpha-D-glucopyranose
4 non-polymer 'CALCIUM ION'
5 water water
#
_entity_poly.entity_id   1
_entity_poly.type   'polypeptide(L)'
_entity_poly.pdbx_seq_one_letter_code
;AVNGKGMNPDYKAYLMAPLKKIPEVTNWETFENDLRWAKQNGFYAIMVDFWWGDMEKNGDQQFDFSYAQRFAQSVKNAGM
KMIPIISTHQCGGNVGDDCNVPIPSWVWNQKSDDSLYFKSETGTVNKETLNPLASDVIRKEYGELYTAFAAAMKPYKDVI
AKIELSGGPAGELRYPSYTTSDGTGYPSRGKFQAYTEFAKSKFRLWVLNKYGSLNEVNKAWGTKLISELAILPPSDGEQF
LMNGYLSMYGKDYLEWYQGILENHTKLIGELAHNAFDTTFQVPIGAKIAGVHWQYNNPTIPHGAEKPAGYNDYSHLLDAF
KSAKLDVNFTCLEMTDKGSYPEYSMPKTLVQNIATLANEKGIVLNGENALSIGNEEEYKRVAEMAFNYNFAGFTLLRYQD
VMYNNSLMGKFKDLLGVTPVMQTIVVKNVPTTIGDTVYITGNRAELGSWDTKQYPIQLYYDSHSNDWRGNVVLPAERNIE
FKAFIKSKDGTVKSWQTIQQSWNPVPLKTTSHTSSW
;
_entity_poly.pdbx_strand_id   A
#
loop_
_chem_comp.id
_chem_comp.type
_chem_comp.name
_chem_comp.formula
BGC D-saccharide, beta linking beta-D-glucopyranose 'C6 H12 O6'
CA non-polymer 'CALCIUM ION' 'Ca 2'
GLC D-saccharide, alpha linking alpha-D-glucopyranose 'C6 H12 O6'
#
# COMPACT_ATOMS: atom_id res chain seq x y z
N ALA A 1 7.68 18.62 -5.01
CA ALA A 1 7.47 17.16 -5.28
C ALA A 1 7.89 16.87 -6.71
N VAL A 2 7.75 15.60 -7.11
CA VAL A 2 8.12 15.19 -8.46
C VAL A 2 7.26 15.93 -9.49
N ASN A 3 7.87 16.25 -10.63
CA ASN A 3 7.15 16.95 -11.70
C ASN A 3 6.72 18.36 -11.30
N GLY A 4 7.56 19.04 -10.53
CA GLY A 4 7.27 20.41 -10.11
C GLY A 4 6.02 20.66 -9.29
N LYS A 5 5.35 19.59 -8.88
CA LYS A 5 4.14 19.71 -8.07
C LYS A 5 4.48 19.78 -6.58
N GLY A 6 3.47 20.03 -5.76
CA GLY A 6 3.67 20.08 -4.32
C GLY A 6 3.11 18.82 -3.69
N MET A 7 2.89 18.82 -2.38
CA MET A 7 2.33 17.65 -1.72
C MET A 7 0.85 17.50 -2.04
N ASN A 8 0.31 16.33 -1.76
CA ASN A 8 -1.10 16.05 -2.02
C ASN A 8 -1.98 16.79 -1.00
N PRO A 9 -2.87 17.66 -1.48
CA PRO A 9 -3.78 18.42 -0.63
C PRO A 9 -4.74 17.58 0.21
N ASP A 10 -4.88 16.31 -0.13
CA ASP A 10 -5.79 15.44 0.61
C ASP A 10 -5.07 14.55 1.61
N TYR A 11 -3.76 14.73 1.74
CA TYR A 11 -2.98 13.93 2.65
C TYR A 11 -3.61 13.84 4.05
N LYS A 12 -3.59 12.65 4.61
CA LYS A 12 -4.11 12.42 5.96
C LYS A 12 -3.32 11.30 6.59
N ALA A 13 -3.08 11.39 7.89
CA ALA A 13 -2.33 10.37 8.59
C ALA A 13 -3.28 9.51 9.41
N TYR A 14 -3.04 8.21 9.39
CA TYR A 14 -3.88 7.25 10.11
C TYR A 14 -3.02 6.46 11.09
N LEU A 15 -3.66 5.88 12.10
CA LEU A 15 -2.93 5.10 13.12
C LEU A 15 -3.43 3.66 13.12
N MET A 16 -2.50 2.73 12.97
CA MET A 16 -2.87 1.33 12.97
C MET A 16 -3.15 0.90 14.41
N ALA A 17 -4.31 0.28 14.62
CA ALA A 17 -4.69 -0.18 15.94
C ALA A 17 -3.86 -1.40 16.30
N PRO A 18 -3.92 -1.84 17.56
CA PRO A 18 -3.15 -3.03 17.98
C PRO A 18 -3.73 -4.28 17.33
N LEU A 19 -2.99 -5.38 17.36
CA LEU A 19 -3.47 -6.63 16.80
C LEU A 19 -4.51 -7.24 17.73
N LYS A 20 -4.30 -7.14 19.04
CA LYS A 20 -5.24 -7.66 20.01
C LYS A 20 -6.43 -6.71 20.14
N LYS A 21 -7.59 -7.23 20.48
CA LYS A 21 -8.77 -6.39 20.65
C LYS A 21 -8.48 -5.43 21.82
N ILE A 22 -9.07 -4.24 21.75
CA ILE A 22 -8.85 -3.23 22.78
C ILE A 22 -9.03 -3.72 24.22
N PRO A 23 -10.11 -4.47 24.50
CA PRO A 23 -10.32 -4.96 25.86
C PRO A 23 -9.18 -5.85 26.36
N GLU A 24 -8.33 -6.30 25.45
CA GLU A 24 -7.20 -7.15 25.82
C GLU A 24 -5.95 -6.30 26.03
N VAL A 25 -6.11 -5.00 25.87
CA VAL A 25 -5.02 -4.05 26.02
C VAL A 25 -5.26 -3.04 27.14
N THR A 26 -6.42 -2.42 27.13
CA THR A 26 -6.75 -1.46 28.16
C THR A 26 -8.27 -1.40 28.21
N ASN A 27 -8.82 -0.34 28.79
CA ASN A 27 -10.27 -0.24 28.87
C ASN A 27 -10.75 0.80 27.85
N TRP A 28 -12.05 0.83 27.59
CA TRP A 28 -12.55 1.78 26.60
C TRP A 28 -12.33 3.25 26.93
N GLU A 29 -12.41 3.62 28.21
CA GLU A 29 -12.21 5.02 28.61
C GLU A 29 -10.80 5.49 28.23
N THR A 30 -9.80 4.70 28.60
CA THR A 30 -8.43 5.04 28.28
C THR A 30 -8.24 5.06 26.77
N PHE A 31 -8.89 4.12 26.09
CA PHE A 31 -8.82 4.03 24.64
C PHE A 31 -9.32 5.33 24.02
N GLU A 32 -10.47 5.80 24.49
CA GLU A 32 -11.02 7.03 23.95
C GLU A 32 -10.07 8.19 24.21
N ASN A 33 -9.41 8.18 25.35
CA ASN A 33 -8.47 9.25 25.67
C ASN A 33 -7.24 9.17 24.79
N ASP A 34 -6.85 7.94 24.45
CA ASP A 34 -5.69 7.74 23.58
C ASP A 34 -6.05 8.29 22.21
N LEU A 35 -7.28 8.08 21.78
CA LEU A 35 -7.71 8.57 20.48
C LEU A 35 -7.70 10.08 20.44
N ARG A 36 -8.21 10.70 21.51
CA ARG A 36 -8.24 12.16 21.57
C ARG A 36 -6.83 12.71 21.52
N TRP A 37 -5.88 11.96 22.08
CA TRP A 37 -4.49 12.35 22.10
C TRP A 37 -3.91 12.22 20.68
N ALA A 38 -4.22 11.12 20.03
CA ALA A 38 -3.73 10.87 18.68
C ALA A 38 -4.23 11.95 17.73
N LYS A 39 -5.49 12.31 17.89
CA LYS A 39 -6.10 13.32 17.04
C LYS A 39 -5.39 14.65 17.22
N GLN A 40 -4.92 14.88 18.44
CA GLN A 40 -4.23 16.12 18.77
C GLN A 40 -2.85 16.15 18.13
N ASN A 41 -2.35 14.98 17.76
CA ASN A 41 -1.04 14.90 17.14
C ASN A 41 -1.10 14.74 15.63
N GLY A 42 -2.27 15.00 15.05
CA GLY A 42 -2.40 14.91 13.60
C GLY A 42 -3.06 13.69 12.97
N PHE A 43 -3.39 12.69 13.77
CA PHE A 43 -4.03 11.50 13.22
C PHE A 43 -5.47 11.76 12.90
N TYR A 44 -5.85 11.45 11.66
CA TYR A 44 -7.22 11.64 11.21
C TYR A 44 -8.14 10.50 11.58
N ALA A 45 -7.60 9.28 11.59
CA ALA A 45 -8.41 8.11 11.91
C ALA A 45 -7.57 6.94 12.38
N ILE A 46 -8.26 5.93 12.91
CA ILE A 46 -7.59 4.72 13.36
C ILE A 46 -8.03 3.59 12.43
N MET A 47 -7.05 2.90 11.85
CA MET A 47 -7.30 1.78 10.95
C MET A 47 -7.29 0.53 11.83
N VAL A 48 -8.28 -0.34 11.65
CA VAL A 48 -8.36 -1.52 12.49
C VAL A 48 -8.85 -2.79 11.80
N ASP A 49 -8.28 -3.92 12.19
CA ASP A 49 -8.67 -5.22 11.64
C ASP A 49 -9.93 -5.72 12.32
N PHE A 50 -10.88 -6.20 11.53
CA PHE A 50 -12.07 -6.83 12.10
C PHE A 50 -11.95 -8.21 11.47
N TRP A 51 -11.51 -9.16 12.27
CA TRP A 51 -11.29 -10.53 11.82
C TRP A 51 -12.50 -11.36 11.48
N TRP A 52 -12.39 -12.07 10.37
CA TRP A 52 -13.46 -12.94 9.92
C TRP A 52 -13.65 -14.02 10.97
N GLY A 53 -12.53 -14.48 11.54
CA GLY A 53 -12.57 -15.50 12.57
C GLY A 53 -13.42 -15.09 13.76
N ASP A 54 -13.55 -13.78 13.99
CA ASP A 54 -14.35 -13.29 15.09
C ASP A 54 -15.81 -13.07 14.68
N MET A 55 -16.01 -12.48 13.52
CA MET A 55 -17.36 -12.14 13.05
C MET A 55 -18.27 -13.27 12.57
N GLU A 56 -17.71 -14.40 12.18
CA GLU A 56 -18.53 -15.50 11.69
C GLU A 56 -17.89 -16.80 12.15
N LYS A 57 -17.52 -16.82 13.43
CA LYS A 57 -16.87 -17.96 14.06
C LYS A 57 -17.68 -19.25 14.16
N ASN A 58 -18.86 -19.16 14.77
CA ASN A 58 -19.69 -20.35 14.98
C ASN A 58 -20.11 -21.12 13.72
N GLY A 59 -20.58 -20.42 12.70
CA GLY A 59 -20.99 -21.12 11.50
C GLY A 59 -21.39 -20.19 10.38
N ASP A 60 -21.77 -20.77 9.25
CA ASP A 60 -22.16 -19.97 8.10
C ASP A 60 -23.38 -19.13 8.46
N GLN A 61 -23.29 -17.83 8.16
CA GLN A 61 -24.39 -16.89 8.43
C GLN A 61 -24.68 -16.64 9.91
N GLN A 62 -23.79 -17.09 10.79
CA GLN A 62 -23.95 -16.86 12.23
C GLN A 62 -22.96 -15.76 12.58
N PHE A 63 -23.40 -14.52 12.36
CA PHE A 63 -22.57 -13.34 12.57
C PHE A 63 -22.58 -12.73 13.96
N ASP A 64 -21.49 -12.03 14.26
CA ASP A 64 -21.32 -11.32 15.53
C ASP A 64 -20.51 -10.06 15.26
N PHE A 65 -21.19 -8.93 15.20
CA PHE A 65 -20.52 -7.66 14.94
C PHE A 65 -20.47 -6.81 16.20
N SER A 66 -20.81 -7.42 17.33
CA SER A 66 -20.81 -6.71 18.60
C SER A 66 -19.49 -6.00 18.91
N TYR A 67 -18.36 -6.69 18.73
CA TYR A 67 -17.09 -6.03 19.01
C TYR A 67 -16.91 -4.85 18.09
N ALA A 68 -17.16 -5.08 16.80
CA ALA A 68 -17.03 -4.05 15.79
C ALA A 68 -17.89 -2.85 16.14
N GLN A 69 -19.12 -3.10 16.59
CA GLN A 69 -20.03 -2.01 16.94
C GLN A 69 -19.52 -1.28 18.18
N ARG A 70 -19.15 -2.02 19.21
CA ARG A 70 -18.64 -1.39 20.43
C ARG A 70 -17.38 -0.57 20.10
N PHE A 71 -16.54 -1.07 19.21
CA PHE A 71 -15.33 -0.35 18.84
C PHE A 71 -15.66 1.00 18.20
N ALA A 72 -16.57 0.97 17.22
CA ALA A 72 -16.97 2.19 16.52
C ALA A 72 -17.63 3.18 17.47
N GLN A 73 -18.29 2.66 18.50
CA GLN A 73 -18.96 3.53 19.46
C GLN A 73 -17.92 4.41 20.16
N SER A 74 -16.82 3.80 20.60
CA SER A 74 -15.77 4.57 21.28
C SER A 74 -15.07 5.53 20.32
N VAL A 75 -14.91 5.12 19.06
CA VAL A 75 -14.29 6.00 18.08
C VAL A 75 -15.20 7.23 17.93
N LYS A 76 -16.51 7.00 17.96
CA LYS A 76 -17.46 8.10 17.84
C LYS A 76 -17.36 9.01 19.07
N ASN A 77 -17.35 8.42 20.26
CA ASN A 77 -17.26 9.19 21.50
C ASN A 77 -16.01 10.07 21.54
N ALA A 78 -14.96 9.63 20.87
CA ALA A 78 -13.71 10.38 20.86
C ALA A 78 -13.63 11.38 19.71
N GLY A 79 -14.69 11.47 18.93
CA GLY A 79 -14.70 12.40 17.80
C GLY A 79 -13.67 12.06 16.73
N MET A 80 -13.34 10.78 16.61
CA MET A 80 -12.38 10.31 15.62
C MET A 80 -13.07 9.60 14.47
N LYS A 81 -12.27 9.20 13.50
CA LYS A 81 -12.77 8.47 12.35
C LYS A 81 -12.05 7.13 12.36
N MET A 82 -12.60 6.17 11.64
CA MET A 82 -11.97 4.86 11.58
C MET A 82 -12.00 4.31 10.16
N ILE A 83 -11.06 3.41 9.90
CA ILE A 83 -10.97 2.74 8.62
C ILE A 83 -10.94 1.26 8.93
N PRO A 84 -12.06 0.58 8.76
CA PRO A 84 -12.06 -0.85 9.05
C PRO A 84 -11.41 -1.65 7.94
N ILE A 85 -10.66 -2.67 8.33
CA ILE A 85 -10.05 -3.56 7.36
C ILE A 85 -10.88 -4.83 7.57
N ILE A 86 -11.56 -5.29 6.52
CA ILE A 86 -12.33 -6.52 6.66
C ILE A 86 -11.30 -7.62 6.45
N SER A 87 -10.72 -8.06 7.55
CA SER A 87 -9.66 -9.05 7.51
C SER A 87 -10.09 -10.50 7.37
N THR A 88 -10.18 -10.94 6.12
CA THR A 88 -10.57 -12.31 5.81
C THR A 88 -9.35 -13.22 5.76
N HIS A 89 -8.30 -12.85 6.49
CA HIS A 89 -7.11 -13.67 6.57
C HIS A 89 -6.84 -14.03 8.02
N GLN A 90 -5.86 -14.88 8.27
CA GLN A 90 -5.54 -15.29 9.62
C GLN A 90 -4.62 -14.32 10.33
N CYS A 91 -4.82 -14.19 11.65
CA CYS A 91 -3.99 -13.33 12.48
C CYS A 91 -3.08 -14.26 13.27
N GLY A 92 -1.77 -14.10 13.11
CA GLY A 92 -0.86 -14.95 13.84
C GLY A 92 -0.08 -15.83 12.88
N GLY A 93 1.23 -15.90 13.06
CA GLY A 93 2.04 -16.71 12.17
C GLY A 93 2.93 -15.83 11.31
N ASN A 94 2.45 -14.64 10.97
CA ASN A 94 3.21 -13.68 10.17
C ASN A 94 4.23 -12.98 11.06
N VAL A 95 5.19 -12.29 10.45
CA VAL A 95 6.21 -11.59 11.20
C VAL A 95 5.60 -10.50 12.10
N GLY A 96 5.89 -10.57 13.39
CA GLY A 96 5.39 -9.58 14.32
C GLY A 96 3.92 -9.74 14.73
N ASP A 97 3.36 -10.91 14.48
CA ASP A 97 1.97 -11.18 14.84
C ASP A 97 1.84 -11.65 16.29
N ASP A 98 1.07 -10.89 17.06
CA ASP A 98 0.83 -11.16 18.47
C ASP A 98 -0.67 -11.47 18.63
N CYS A 99 -1.11 -12.52 17.95
CA CYS A 99 -2.51 -12.91 17.96
C CYS A 99 -2.68 -14.32 17.39
N ASN A 100 -3.91 -14.80 17.43
CA ASN A 100 -4.25 -16.12 16.92
C ASN A 100 -5.71 -16.14 16.51
N VAL A 101 -5.99 -15.69 15.30
CA VAL A 101 -7.36 -15.66 14.81
C VAL A 101 -7.43 -16.24 13.40
N PRO A 102 -7.55 -17.56 13.29
CA PRO A 102 -7.62 -18.19 11.97
C PRO A 102 -9.01 -17.91 11.42
N ILE A 103 -9.20 -18.07 10.11
CA ILE A 103 -10.51 -17.83 9.54
C ILE A 103 -11.42 -18.96 10.01
N PRO A 104 -12.75 -18.75 9.97
CA PRO A 104 -13.73 -19.76 10.41
C PRO A 104 -13.38 -21.18 9.94
N SER A 105 -13.32 -22.11 10.89
CA SER A 105 -12.98 -23.48 10.59
C SER A 105 -13.94 -24.19 9.65
N TRP A 106 -15.23 -23.84 9.73
CA TRP A 106 -16.23 -24.48 8.88
C TRP A 106 -16.08 -24.20 7.38
N VAL A 107 -15.49 -23.07 7.04
CA VAL A 107 -15.32 -22.73 5.62
C VAL A 107 -14.54 -23.81 4.87
N TRP A 108 -13.64 -24.50 5.56
CA TRP A 108 -12.83 -25.54 4.92
C TRP A 108 -13.62 -26.77 4.50
N ASN A 109 -14.78 -27.00 5.11
CA ASN A 109 -15.58 -28.17 4.79
C ASN A 109 -16.46 -27.98 3.57
N GLN A 110 -16.45 -26.79 2.99
CA GLN A 110 -17.27 -26.53 1.82
C GLN A 110 -16.78 -27.23 0.55
N LYS A 111 -15.59 -27.81 0.61
CA LYS A 111 -15.00 -28.51 -0.54
C LYS A 111 -14.32 -29.80 -0.10
N SER A 112 -14.32 -30.78 -1.00
CA SER A 112 -13.69 -32.06 -0.74
C SER A 112 -12.34 -32.12 -1.43
N ASP A 113 -12.17 -31.26 -2.44
CA ASP A 113 -10.90 -31.21 -3.17
C ASP A 113 -9.93 -30.33 -2.42
N ASP A 114 -8.86 -29.90 -3.10
CA ASP A 114 -7.86 -29.05 -2.49
C ASP A 114 -7.89 -27.67 -3.14
N SER A 115 -9.10 -27.21 -3.48
CA SER A 115 -9.28 -25.93 -4.13
C SER A 115 -9.25 -24.70 -3.21
N LEU A 116 -9.51 -24.91 -1.92
CA LEU A 116 -9.56 -23.83 -0.96
C LEU A 116 -8.24 -23.31 -0.40
N TYR A 117 -7.20 -24.13 -0.41
CA TYR A 117 -5.93 -23.71 0.15
C TYR A 117 -4.76 -23.68 -0.83
N PHE A 118 -3.57 -23.42 -0.30
CA PHE A 118 -2.36 -23.35 -1.12
C PHE A 118 -1.42 -24.50 -0.82
N LYS A 119 -0.51 -24.75 -1.76
CA LYS A 119 0.47 -25.81 -1.65
C LYS A 119 1.69 -25.34 -2.42
N SER A 120 2.85 -25.36 -1.76
CA SER A 120 4.09 -24.89 -2.37
C SER A 120 4.83 -25.91 -3.21
N GLU A 121 5.90 -25.43 -3.83
CA GLU A 121 6.76 -26.24 -4.67
C GLU A 121 7.14 -27.53 -3.96
N THR A 122 7.39 -27.44 -2.66
CA THR A 122 7.81 -28.58 -1.88
C THR A 122 6.71 -29.23 -1.05
N GLY A 123 5.46 -28.91 -1.35
CA GLY A 123 4.34 -29.54 -0.65
C GLY A 123 3.78 -28.88 0.58
N THR A 124 4.42 -27.82 1.07
CA THR A 124 3.94 -27.15 2.26
C THR A 124 2.54 -26.59 2.02
N VAL A 125 1.61 -26.94 2.89
CA VAL A 125 0.24 -26.47 2.77
C VAL A 125 0.07 -25.19 3.59
N ASN A 126 -0.71 -24.25 3.07
CA ASN A 126 -0.96 -23.00 3.76
C ASN A 126 -2.45 -22.74 3.77
N LYS A 127 -2.98 -22.32 4.91
CA LYS A 127 -4.39 -22.03 5.06
C LYS A 127 -4.65 -20.69 5.72
N GLU A 128 -3.73 -19.75 5.55
CA GLU A 128 -3.88 -18.42 6.13
C GLU A 128 -5.07 -17.68 5.54
N THR A 129 -5.37 -17.99 4.28
CA THR A 129 -6.44 -17.33 3.57
C THR A 129 -6.94 -18.24 2.45
N LEU A 130 -8.15 -17.98 1.97
CA LEU A 130 -8.73 -18.78 0.89
C LEU A 130 -7.96 -18.57 -0.40
N ASN A 131 -7.74 -19.66 -1.12
CA ASN A 131 -7.03 -19.57 -2.40
C ASN A 131 -7.95 -18.81 -3.36
N PRO A 132 -7.44 -17.72 -3.96
CA PRO A 132 -8.27 -16.93 -4.89
C PRO A 132 -8.76 -17.70 -6.12
N LEU A 133 -8.30 -18.94 -6.30
CA LEU A 133 -8.77 -19.75 -7.44
C LEU A 133 -10.22 -20.14 -7.17
N ALA A 134 -10.55 -20.34 -5.90
CA ALA A 134 -11.91 -20.73 -5.51
C ALA A 134 -12.81 -19.50 -5.52
N SER A 135 -12.96 -18.90 -6.70
CA SER A 135 -13.75 -17.71 -6.85
C SER A 135 -15.22 -17.91 -6.53
N ASP A 136 -15.71 -19.14 -6.69
CA ASP A 136 -17.11 -19.43 -6.41
C ASP A 136 -17.38 -19.35 -4.92
N VAL A 137 -16.47 -19.90 -4.11
CA VAL A 137 -16.63 -19.85 -2.66
C VAL A 137 -16.36 -18.43 -2.17
N ILE A 138 -15.34 -17.79 -2.72
CA ILE A 138 -15.02 -16.43 -2.33
C ILE A 138 -16.20 -15.50 -2.63
N ARG A 139 -16.83 -15.67 -3.79
CA ARG A 139 -17.96 -14.82 -4.14
C ARG A 139 -19.07 -14.96 -3.10
N LYS A 140 -19.37 -16.18 -2.72
CA LYS A 140 -20.42 -16.42 -1.75
C LYS A 140 -20.12 -15.88 -0.35
N GLU A 141 -18.99 -16.31 0.22
CA GLU A 141 -18.62 -15.90 1.57
C GLU A 141 -18.29 -14.41 1.76
N TYR A 142 -17.43 -13.86 0.92
CA TYR A 142 -17.07 -12.46 1.05
C TYR A 142 -18.31 -11.64 0.79
N GLY A 143 -19.09 -12.09 -0.19
CA GLY A 143 -20.32 -11.40 -0.55
C GLY A 143 -21.26 -11.29 0.65
N GLU A 144 -21.45 -12.38 1.37
CA GLU A 144 -22.33 -12.39 2.54
C GLU A 144 -21.73 -11.63 3.72
N LEU A 145 -20.43 -11.81 3.93
CA LEU A 145 -19.74 -11.13 5.02
C LEU A 145 -19.85 -9.61 4.83
N TYR A 146 -19.44 -9.15 3.65
CA TYR A 146 -19.47 -7.72 3.33
C TYR A 146 -20.85 -7.10 3.52
N THR A 147 -21.88 -7.78 3.03
CA THR A 147 -23.24 -7.26 3.13
C THR A 147 -23.74 -7.28 4.57
N ALA A 148 -23.37 -8.30 5.33
CA ALA A 148 -23.79 -8.38 6.72
C ALA A 148 -23.10 -7.25 7.49
N PHE A 149 -21.83 -7.00 7.17
CA PHE A 149 -21.06 -5.97 7.83
C PHE A 149 -21.69 -4.59 7.59
N ALA A 150 -22.04 -4.34 6.33
CA ALA A 150 -22.64 -3.08 5.94
C ALA A 150 -23.91 -2.79 6.73
N ALA A 151 -24.75 -3.80 6.89
CA ALA A 151 -25.99 -3.62 7.62
C ALA A 151 -25.72 -3.38 9.11
N ALA A 152 -24.85 -4.19 9.68
CA ALA A 152 -24.51 -4.07 11.10
C ALA A 152 -23.81 -2.77 11.46
N MET A 153 -23.10 -2.18 10.51
CA MET A 153 -22.38 -0.94 10.77
C MET A 153 -23.03 0.31 10.22
N LYS A 154 -24.21 0.15 9.62
CA LYS A 154 -24.92 1.28 9.05
C LYS A 154 -25.06 2.45 10.03
N PRO A 155 -25.34 2.14 11.31
CA PRO A 155 -25.49 3.21 12.31
C PRO A 155 -24.22 4.04 12.50
N TYR A 156 -23.08 3.51 12.06
CA TYR A 156 -21.81 4.22 12.21
C TYR A 156 -21.20 4.76 10.94
N LYS A 157 -22.01 4.87 9.88
CA LYS A 157 -21.50 5.35 8.61
C LYS A 157 -20.73 6.66 8.70
N ASP A 158 -21.12 7.51 9.65
CA ASP A 158 -20.48 8.81 9.82
C ASP A 158 -19.06 8.79 10.41
N VAL A 159 -18.67 7.67 11.00
CA VAL A 159 -17.32 7.57 11.57
C VAL A 159 -16.38 6.73 10.70
N ILE A 160 -16.91 6.20 9.61
CA ILE A 160 -16.11 5.39 8.69
C ILE A 160 -15.60 6.27 7.55
N ALA A 161 -14.30 6.50 7.54
CA ALA A 161 -13.66 7.35 6.53
C ALA A 161 -13.30 6.60 5.25
N LYS A 162 -13.11 5.31 5.36
CA LYS A 162 -12.72 4.49 4.22
C LYS A 162 -12.79 3.02 4.64
N ILE A 163 -12.83 2.11 3.67
CA ILE A 163 -12.88 0.70 3.98
C ILE A 163 -11.77 -0.06 3.25
N GLU A 164 -10.99 -0.83 4.00
CA GLU A 164 -9.91 -1.62 3.42
C GLU A 164 -10.30 -3.09 3.35
N LEU A 165 -9.95 -3.74 2.24
CA LEU A 165 -10.25 -5.15 2.01
C LEU A 165 -8.99 -5.99 2.17
N SER A 166 -9.15 -7.24 2.58
CA SER A 166 -8.02 -8.16 2.72
C SER A 166 -7.96 -8.98 1.44
N GLY A 167 -6.87 -8.83 0.69
CA GLY A 167 -6.74 -9.58 -0.55
C GLY A 167 -5.87 -10.83 -0.48
N GLY A 168 -5.46 -11.20 0.74
CA GLY A 168 -4.63 -12.39 0.91
C GLY A 168 -3.93 -12.41 2.27
N PRO A 169 -2.80 -13.13 2.39
CA PRO A 169 -2.06 -13.24 3.65
C PRO A 169 -1.72 -11.86 4.20
N ALA A 170 -1.89 -11.68 5.50
CA ALA A 170 -1.59 -10.42 6.16
C ALA A 170 -2.38 -9.27 5.56
N GLY A 171 -3.49 -9.61 4.90
CA GLY A 171 -4.36 -8.63 4.28
C GLY A 171 -3.81 -8.06 2.99
N GLU A 172 -2.80 -8.71 2.41
CA GLU A 172 -2.19 -8.23 1.18
C GLU A 172 -2.52 -9.09 -0.02
N LEU A 173 -2.69 -8.45 -1.17
CA LEU A 173 -3.01 -9.16 -2.40
C LEU A 173 -1.73 -9.83 -2.86
N ARG A 174 -1.58 -11.10 -2.53
CA ARG A 174 -0.38 -11.85 -2.90
C ARG A 174 -0.55 -13.31 -2.52
N TYR A 175 0.44 -14.11 -2.90
CA TYR A 175 0.46 -15.52 -2.55
C TYR A 175 1.29 -15.61 -1.26
N PRO A 176 1.07 -16.67 -0.46
CA PRO A 176 1.84 -16.84 0.78
C PRO A 176 3.17 -17.51 0.46
N SER A 177 4.00 -16.81 -0.31
CA SER A 177 5.29 -17.36 -0.74
C SER A 177 6.44 -17.27 0.23
N TYR A 178 6.31 -16.45 1.26
CA TYR A 178 7.38 -16.35 2.25
C TYR A 178 6.87 -16.66 3.64
N THR A 179 7.09 -17.90 4.07
CA THR A 179 6.67 -18.33 5.40
C THR A 179 7.78 -19.16 6.02
N THR A 180 7.74 -19.26 7.35
CA THR A 180 8.74 -20.01 8.09
C THR A 180 8.68 -21.50 7.77
N SER A 181 7.49 -22.07 7.88
CA SER A 181 7.27 -23.49 7.63
C SER A 181 7.63 -23.97 6.24
N ASP A 182 7.61 -23.07 5.26
CA ASP A 182 7.91 -23.44 3.89
C ASP A 182 9.39 -23.15 3.60
N GLY A 183 10.10 -22.64 4.60
CA GLY A 183 11.50 -22.32 4.46
C GLY A 183 11.77 -21.15 3.52
N THR A 184 10.80 -20.24 3.42
CA THR A 184 10.94 -19.10 2.53
C THR A 184 10.86 -17.73 3.20
N GLY A 185 11.08 -17.70 4.51
CA GLY A 185 11.04 -16.44 5.23
C GLY A 185 12.11 -15.48 4.74
N TYR A 186 11.93 -14.20 5.01
CA TYR A 186 12.90 -13.20 4.59
C TYR A 186 14.28 -13.64 5.10
N PRO A 187 15.32 -13.44 4.28
CA PRO A 187 15.33 -12.83 2.95
C PRO A 187 15.55 -13.85 1.84
N SER A 188 15.08 -15.08 2.03
CA SER A 188 15.30 -16.10 1.02
C SER A 188 14.32 -15.97 -0.15
N ARG A 189 14.61 -16.70 -1.23
CA ARG A 189 13.75 -16.66 -2.40
C ARG A 189 12.40 -17.22 -1.98
N GLY A 190 11.34 -16.83 -2.67
CA GLY A 190 10.03 -17.35 -2.33
C GLY A 190 9.77 -18.62 -3.11
N LYS A 191 8.72 -19.36 -2.74
CA LYS A 191 8.35 -20.58 -3.44
C LYS A 191 6.99 -20.36 -4.10
N PHE A 192 6.83 -20.84 -5.32
CA PHE A 192 5.55 -20.71 -5.99
C PHE A 192 4.50 -21.49 -5.21
N GLN A 193 3.28 -20.96 -5.19
CA GLN A 193 2.20 -21.58 -4.43
C GLN A 193 1.03 -22.01 -5.30
N ALA A 194 1.30 -22.83 -6.30
CA ALA A 194 0.25 -23.30 -7.18
C ALA A 194 0.45 -24.78 -7.45
N TYR A 195 0.61 -25.56 -6.39
CA TYR A 195 0.83 -26.99 -6.57
C TYR A 195 -0.28 -27.91 -6.07
N THR A 196 -1.43 -27.34 -5.74
CA THR A 196 -2.56 -28.18 -5.34
C THR A 196 -3.04 -28.76 -6.66
N GLU A 197 -3.76 -29.89 -6.59
CA GLU A 197 -4.27 -30.51 -7.80
C GLU A 197 -5.12 -29.51 -8.56
N PHE A 198 -5.93 -28.77 -7.80
CA PHE A 198 -6.83 -27.78 -8.38
C PHE A 198 -6.09 -26.67 -9.14
N ALA A 199 -4.98 -26.22 -8.59
CA ALA A 199 -4.19 -25.17 -9.20
C ALA A 199 -3.57 -25.68 -10.50
N LYS A 200 -3.05 -26.89 -10.47
CA LYS A 200 -2.45 -27.49 -11.65
C LYS A 200 -3.50 -27.59 -12.75
N SER A 201 -4.67 -28.06 -12.35
CA SER A 201 -5.79 -28.22 -13.27
C SER A 201 -6.21 -26.91 -13.94
N LYS A 202 -6.26 -25.83 -13.15
CA LYS A 202 -6.66 -24.54 -13.70
C LYS A 202 -5.62 -24.01 -14.66
N PHE A 203 -4.35 -24.12 -14.30
CA PHE A 203 -3.30 -23.64 -15.19
C PHE A 203 -3.39 -24.43 -16.50
N ARG A 204 -3.56 -25.74 -16.40
CA ARG A 204 -3.65 -26.58 -17.58
C ARG A 204 -4.77 -26.10 -18.50
N LEU A 205 -5.96 -25.90 -17.95
CA LEU A 205 -7.11 -25.44 -18.73
C LEU A 205 -6.92 -24.03 -19.31
N TRP A 206 -6.21 -23.18 -18.58
CA TRP A 206 -5.97 -21.82 -19.03
C TRP A 206 -5.08 -21.85 -20.26
N VAL A 207 -4.04 -22.66 -20.21
CA VAL A 207 -3.12 -22.80 -21.33
C VAL A 207 -3.86 -23.32 -22.56
N LEU A 208 -4.60 -24.42 -22.36
CA LEU A 208 -5.37 -25.04 -23.43
C LEU A 208 -6.42 -24.10 -24.00
N ASN A 209 -6.95 -23.22 -23.16
CA ASN A 209 -7.95 -22.29 -23.64
C ASN A 209 -7.30 -21.23 -24.50
N LYS A 210 -6.07 -20.87 -24.16
CA LYS A 210 -5.34 -19.86 -24.90
C LYS A 210 -4.87 -20.33 -26.27
N TYR A 211 -4.35 -21.54 -26.34
CA TYR A 211 -3.83 -22.07 -27.60
C TYR A 211 -4.74 -23.04 -28.33
N GLY A 212 -5.74 -23.56 -27.63
CA GLY A 212 -6.66 -24.47 -28.28
C GLY A 212 -6.33 -25.93 -28.07
N SER A 213 -5.16 -26.36 -28.56
CA SER A 213 -4.75 -27.75 -28.42
C SER A 213 -3.28 -27.91 -28.05
N LEU A 214 -2.93 -29.11 -27.61
CA LEU A 214 -1.57 -29.42 -27.22
C LEU A 214 -0.57 -29.06 -28.33
N ASN A 215 -0.94 -29.32 -29.58
CA ASN A 215 -0.06 -29.03 -30.70
C ASN A 215 0.26 -27.55 -30.81
N GLU A 216 -0.73 -26.72 -30.56
CA GLU A 216 -0.50 -25.28 -30.62
C GLU A 216 0.33 -24.83 -29.44
N VAL A 217 0.14 -25.51 -28.31
CA VAL A 217 0.90 -25.22 -27.11
C VAL A 217 2.37 -25.48 -27.40
N ASN A 218 2.67 -26.69 -27.85
CA ASN A 218 4.04 -27.07 -28.19
C ASN A 218 4.64 -26.12 -29.19
N LYS A 219 3.82 -25.67 -30.14
CA LYS A 219 4.31 -24.74 -31.15
C LYS A 219 4.73 -23.43 -30.52
N ALA A 220 3.87 -22.89 -29.65
CA ALA A 220 4.15 -21.62 -28.98
C ALA A 220 5.31 -21.71 -28.01
N TRP A 221 5.36 -22.78 -27.21
CA TRP A 221 6.42 -22.96 -26.22
C TRP A 221 7.68 -23.56 -26.82
N GLY A 222 7.58 -24.05 -28.05
CA GLY A 222 8.73 -24.67 -28.67
C GLY A 222 9.10 -25.92 -27.89
N THR A 223 8.10 -26.57 -27.32
CA THR A 223 8.32 -27.78 -26.53
C THR A 223 7.88 -29.05 -27.25
N LYS A 224 8.12 -30.18 -26.59
CA LYS A 224 7.76 -31.49 -27.14
C LYS A 224 6.92 -32.26 -26.15
N LEU A 225 5.97 -31.58 -25.51
CA LEU A 225 5.10 -32.21 -24.54
C LEU A 225 4.35 -33.39 -25.16
N ILE A 226 4.43 -34.53 -24.47
CA ILE A 226 3.80 -35.75 -24.92
C ILE A 226 2.28 -35.77 -24.78
N SER A 227 1.76 -35.13 -23.74
CA SER A 227 0.32 -35.08 -23.54
C SER A 227 -0.10 -33.89 -22.69
N GLU A 228 -1.40 -33.66 -22.62
CA GLU A 228 -1.94 -32.55 -21.85
C GLU A 228 -1.50 -32.58 -20.38
N LEU A 229 -1.35 -33.78 -19.83
CA LEU A 229 -0.95 -33.92 -18.43
C LEU A 229 0.45 -33.37 -18.16
N ALA A 230 1.24 -33.17 -19.21
CA ALA A 230 2.59 -32.66 -19.07
C ALA A 230 2.61 -31.15 -18.88
N ILE A 231 1.44 -30.54 -18.98
CA ILE A 231 1.34 -29.10 -18.78
C ILE A 231 1.24 -28.94 -17.27
N LEU A 232 2.30 -28.41 -16.66
CA LEU A 232 2.34 -28.23 -15.22
C LEU A 232 3.12 -26.98 -14.84
N PRO A 233 3.00 -26.56 -13.57
CA PRO A 233 3.73 -25.37 -13.10
C PRO A 233 5.18 -25.82 -13.08
N PRO A 234 6.12 -24.90 -12.80
CA PRO A 234 7.54 -25.26 -12.76
C PRO A 234 7.87 -26.38 -11.76
N SER A 235 8.68 -27.34 -12.19
CA SER A 235 9.08 -28.45 -11.34
C SER A 235 10.18 -28.00 -10.39
N ASP A 236 10.96 -27.02 -10.84
CA ASP A 236 12.06 -26.48 -10.06
C ASP A 236 11.94 -24.96 -10.05
N GLY A 237 11.44 -24.40 -8.95
CA GLY A 237 11.27 -22.97 -8.86
C GLY A 237 12.55 -22.16 -9.00
N GLU A 238 13.66 -22.73 -8.53
CA GLU A 238 14.94 -22.04 -8.59
C GLU A 238 15.44 -21.93 -10.02
N GLN A 239 15.36 -23.02 -10.76
CA GLN A 239 15.81 -23.01 -12.14
C GLN A 239 14.86 -22.10 -12.92
N PHE A 240 13.58 -22.13 -12.58
CA PHE A 240 12.61 -21.27 -13.26
C PHE A 240 12.94 -19.79 -13.04
N LEU A 241 13.34 -19.44 -11.82
CA LEU A 241 13.68 -18.05 -11.49
C LEU A 241 15.07 -17.66 -12.01
N MET A 242 15.90 -18.67 -12.31
CA MET A 242 17.24 -18.41 -12.84
C MET A 242 17.21 -18.04 -14.32
N ASN A 243 16.40 -18.75 -15.10
CA ASN A 243 16.30 -18.42 -16.53
C ASN A 243 15.07 -18.94 -17.24
N GLY A 244 14.34 -19.85 -16.60
CA GLY A 244 13.14 -20.38 -17.22
C GLY A 244 12.08 -19.30 -17.44
N TYR A 245 12.08 -18.27 -16.59
CA TYR A 245 11.10 -17.21 -16.72
C TYR A 245 11.23 -16.49 -18.05
N LEU A 246 12.41 -16.58 -18.66
CA LEU A 246 12.67 -15.92 -19.93
C LEU A 246 12.02 -16.58 -21.15
N SER A 247 11.67 -17.86 -21.04
CA SER A 247 11.04 -18.57 -22.15
C SER A 247 9.57 -18.19 -22.34
N MET A 248 8.98 -18.66 -23.45
CA MET A 248 7.58 -18.37 -23.72
C MET A 248 6.69 -19.09 -22.71
N TYR A 249 7.15 -20.23 -22.22
CA TYR A 249 6.41 -20.97 -21.21
C TYR A 249 6.40 -20.10 -19.96
N GLY A 250 7.58 -19.62 -19.60
CA GLY A 250 7.72 -18.79 -18.41
C GLY A 250 6.77 -17.61 -18.41
N LYS A 251 6.75 -16.87 -19.51
CA LYS A 251 5.88 -15.72 -19.63
C LYS A 251 4.41 -16.10 -19.48
N ASP A 252 4.02 -17.23 -20.06
CA ASP A 252 2.64 -17.67 -19.95
C ASP A 252 2.32 -18.05 -18.52
N TYR A 253 3.23 -18.80 -17.88
CA TYR A 253 3.02 -19.22 -16.51
C TYR A 253 2.83 -18.03 -15.57
N LEU A 254 3.76 -17.09 -15.63
CA LEU A 254 3.70 -15.91 -14.80
C LEU A 254 2.47 -15.07 -15.12
N GLU A 255 2.06 -15.03 -16.38
CA GLU A 255 0.87 -14.27 -16.76
C GLU A 255 -0.34 -14.85 -16.04
N TRP A 256 -0.51 -16.17 -16.13
CA TRP A 256 -1.62 -16.85 -15.47
C TRP A 256 -1.55 -16.63 -13.95
N TYR A 257 -0.37 -16.91 -13.39
CA TYR A 257 -0.11 -16.79 -11.96
C TYR A 257 -0.47 -15.41 -11.40
N GLN A 258 0.03 -14.34 -12.01
CA GLN A 258 -0.31 -13.00 -11.53
C GLN A 258 -1.76 -12.69 -11.87
N GLY A 259 -2.21 -13.27 -12.98
CA GLY A 259 -3.58 -13.07 -13.43
C GLY A 259 -4.61 -13.50 -12.40
N ILE A 260 -4.31 -14.54 -11.63
CA ILE A 260 -5.24 -14.99 -10.61
C ILE A 260 -5.50 -13.88 -9.59
N LEU A 261 -4.45 -13.17 -9.20
CA LEU A 261 -4.57 -12.08 -8.23
C LEU A 261 -5.35 -10.91 -8.82
N GLU A 262 -5.12 -10.63 -10.10
CA GLU A 262 -5.82 -9.53 -10.75
C GLU A 262 -7.31 -9.80 -10.81
N ASN A 263 -7.69 -11.03 -11.15
CA ASN A 263 -9.10 -11.38 -11.20
C ASN A 263 -9.71 -11.33 -9.82
N HIS A 264 -8.93 -11.70 -8.82
CA HIS A 264 -9.39 -11.68 -7.44
C HIS A 264 -9.66 -10.23 -7.07
N THR A 265 -8.78 -9.33 -7.51
CA THR A 265 -8.92 -7.92 -7.23
C THR A 265 -10.24 -7.42 -7.79
N LYS A 266 -10.55 -7.81 -9.02
CA LYS A 266 -11.78 -7.36 -9.64
C LYS A 266 -13.00 -7.96 -8.93
N LEU A 267 -12.88 -9.20 -8.46
CA LEU A 267 -13.99 -9.84 -7.78
C LEU A 267 -14.33 -9.16 -6.45
N ILE A 268 -13.35 -9.01 -5.55
CA ILE A 268 -13.65 -8.38 -4.27
C ILE A 268 -14.01 -6.91 -4.42
N GLY A 269 -13.48 -6.26 -5.46
CA GLY A 269 -13.80 -4.86 -5.69
C GLY A 269 -15.27 -4.72 -6.02
N GLU A 270 -15.79 -5.68 -6.77
CA GLU A 270 -17.18 -5.69 -7.18
C GLU A 270 -18.07 -5.96 -5.97
N LEU A 271 -17.72 -6.98 -5.20
CA LEU A 271 -18.50 -7.33 -4.02
C LEU A 271 -18.52 -6.16 -3.04
N ALA A 272 -17.35 -5.61 -2.77
CA ALA A 272 -17.23 -4.49 -1.84
C ALA A 272 -18.08 -3.30 -2.26
N HIS A 273 -17.96 -2.90 -3.53
CA HIS A 273 -18.73 -1.77 -4.02
C HIS A 273 -20.23 -2.03 -3.96
N ASN A 274 -20.63 -3.25 -4.29
CA ASN A 274 -22.04 -3.59 -4.25
C ASN A 274 -22.57 -3.54 -2.83
N ALA A 275 -21.72 -3.90 -1.87
CA ALA A 275 -22.15 -3.89 -0.48
C ALA A 275 -22.08 -2.54 0.23
N PHE A 276 -21.09 -1.72 -0.10
CA PHE A 276 -20.90 -0.44 0.59
C PHE A 276 -21.23 0.89 -0.08
N ASP A 277 -21.08 0.96 -1.40
CA ASP A 277 -21.30 2.22 -2.11
C ASP A 277 -22.52 3.04 -1.74
N THR A 278 -23.68 2.40 -1.65
CA THR A 278 -24.90 3.14 -1.32
C THR A 278 -24.97 3.50 0.15
N THR A 279 -24.63 2.56 1.01
CA THR A 279 -24.66 2.77 2.45
C THR A 279 -23.62 3.73 3.00
N PHE A 280 -22.37 3.55 2.59
CA PHE A 280 -21.28 4.37 3.10
C PHE A 280 -20.74 5.46 2.17
N GLN A 281 -20.65 5.15 0.87
CA GLN A 281 -20.12 6.11 -0.08
C GLN A 281 -18.73 6.57 0.31
N VAL A 282 -17.85 5.62 0.64
CA VAL A 282 -16.48 5.96 1.02
C VAL A 282 -15.54 5.17 0.12
N PRO A 283 -14.31 5.65 -0.04
CA PRO A 283 -13.34 4.96 -0.89
C PRO A 283 -13.10 3.55 -0.36
N ILE A 284 -12.71 2.66 -1.26
CA ILE A 284 -12.39 1.28 -0.90
C ILE A 284 -11.00 1.00 -1.49
N GLY A 285 -10.16 0.32 -0.73
CA GLY A 285 -8.83 0.02 -1.22
C GLY A 285 -8.38 -1.37 -0.82
N ALA A 286 -7.18 -1.74 -1.27
CA ALA A 286 -6.61 -3.02 -0.94
C ALA A 286 -5.11 -2.79 -0.84
N LYS A 287 -4.39 -3.77 -0.30
CA LYS A 287 -2.96 -3.64 -0.09
C LYS A 287 -2.07 -4.47 -0.98
N ILE A 288 -0.93 -3.89 -1.33
CA ILE A 288 0.07 -4.56 -2.13
C ILE A 288 1.28 -4.60 -1.20
N ALA A 289 1.86 -5.79 -1.03
CA ALA A 289 3.01 -5.96 -0.15
C ALA A 289 4.28 -5.40 -0.78
N GLY A 290 5.25 -5.08 0.06
CA GLY A 290 6.51 -4.54 -0.41
C GLY A 290 7.56 -5.64 -0.31
N VAL A 291 7.59 -6.52 -1.30
CA VAL A 291 8.53 -7.62 -1.29
C VAL A 291 9.84 -7.10 -1.90
N HIS A 292 10.65 -6.47 -1.06
CA HIS A 292 11.90 -5.83 -1.48
C HIS A 292 13.17 -6.68 -1.49
N TRP A 293 13.14 -7.88 -0.95
CA TRP A 293 14.36 -8.67 -0.96
C TRP A 293 14.50 -9.49 -2.24
N GLN A 294 15.75 -9.77 -2.61
CA GLN A 294 16.07 -10.54 -3.82
C GLN A 294 15.66 -9.78 -5.07
N TYR A 295 15.49 -8.47 -4.90
CA TYR A 295 15.10 -7.59 -5.98
C TYR A 295 16.14 -7.56 -7.11
N ASN A 296 17.39 -7.30 -6.76
CA ASN A 296 18.46 -7.23 -7.75
C ASN A 296 19.44 -8.40 -7.67
N ASN A 297 18.96 -9.55 -7.22
CA ASN A 297 19.81 -10.74 -7.13
C ASN A 297 20.09 -11.16 -8.57
N PRO A 298 21.37 -11.18 -8.96
CA PRO A 298 21.78 -11.56 -10.32
C PRO A 298 21.42 -12.99 -10.70
N THR A 299 21.48 -13.90 -9.74
CA THR A 299 21.16 -15.29 -10.02
C THR A 299 19.67 -15.55 -10.16
N ILE A 300 18.87 -14.96 -9.27
CA ILE A 300 17.41 -15.13 -9.33
C ILE A 300 16.73 -13.79 -9.19
N PRO A 301 16.82 -12.95 -10.24
CA PRO A 301 16.21 -11.61 -10.25
C PRO A 301 14.76 -11.62 -9.80
N HIS A 302 14.43 -10.66 -8.93
CA HIS A 302 13.09 -10.54 -8.37
C HIS A 302 12.65 -11.91 -7.85
N GLY A 303 13.61 -12.60 -7.24
CA GLY A 303 13.38 -13.93 -6.71
C GLY A 303 12.38 -14.07 -5.57
N ALA A 304 11.95 -12.95 -5.00
CA ALA A 304 10.98 -12.98 -3.91
C ALA A 304 9.63 -12.49 -4.42
N GLU A 305 9.67 -11.48 -5.28
CA GLU A 305 8.44 -10.89 -5.85
C GLU A 305 7.63 -11.82 -6.75
N LYS A 306 8.31 -12.44 -7.71
CA LYS A 306 7.60 -13.31 -8.64
C LYS A 306 6.80 -14.41 -7.94
N PRO A 307 7.42 -15.15 -7.00
CA PRO A 307 6.67 -16.21 -6.32
C PRO A 307 5.48 -15.63 -5.53
N ALA A 308 5.63 -14.39 -5.06
CA ALA A 308 4.57 -13.73 -4.30
C ALA A 308 3.44 -13.35 -5.24
N GLY A 309 3.72 -13.39 -6.53
CA GLY A 309 2.72 -13.08 -7.54
C GLY A 309 2.95 -11.76 -8.24
N TYR A 310 4.04 -11.08 -7.93
CA TYR A 310 4.32 -9.78 -8.54
C TYR A 310 5.32 -9.86 -9.67
N ASN A 311 4.82 -9.92 -10.91
CA ASN A 311 5.69 -9.98 -12.07
C ASN A 311 5.69 -8.72 -12.92
N ASP A 312 4.50 -8.13 -13.08
CA ASP A 312 4.34 -6.93 -13.87
C ASP A 312 3.43 -6.01 -13.08
N TYR A 313 4.02 -5.02 -12.41
CA TYR A 313 3.29 -4.08 -11.57
C TYR A 313 2.32 -3.20 -12.33
N SER A 314 2.70 -2.83 -13.54
CA SER A 314 1.84 -1.97 -14.36
C SER A 314 0.52 -2.68 -14.61
N HIS A 315 0.63 -3.93 -15.05
CA HIS A 315 -0.53 -4.76 -15.34
C HIS A 315 -1.32 -5.02 -14.06
N LEU A 316 -0.61 -5.18 -12.94
CA LEU A 316 -1.27 -5.44 -11.66
C LEU A 316 -2.10 -4.23 -11.23
N LEU A 317 -1.52 -3.04 -11.34
CA LEU A 317 -2.22 -1.83 -10.94
C LEU A 317 -3.44 -1.56 -11.82
N ASP A 318 -3.38 -1.96 -13.09
CA ASP A 318 -4.52 -1.75 -13.98
C ASP A 318 -5.73 -2.45 -13.42
N ALA A 319 -5.51 -3.57 -12.75
CA ALA A 319 -6.62 -4.32 -12.15
C ALA A 319 -7.26 -3.44 -11.07
N PHE A 320 -6.43 -2.70 -10.35
CA PHE A 320 -6.92 -1.81 -9.30
C PHE A 320 -7.78 -0.69 -9.87
N LYS A 321 -7.27 -0.02 -10.89
CA LYS A 321 -8.02 1.07 -11.49
C LYS A 321 -9.35 0.53 -12.00
N SER A 322 -9.29 -0.65 -12.59
CA SER A 322 -10.46 -1.32 -13.14
C SER A 322 -11.50 -1.65 -12.07
N ALA A 323 -11.06 -2.15 -10.92
CA ALA A 323 -11.97 -2.52 -9.84
C ALA A 323 -12.40 -1.31 -9.02
N LYS A 324 -11.76 -0.16 -9.27
CA LYS A 324 -12.05 1.07 -8.54
C LYS A 324 -11.68 0.91 -7.07
N LEU A 325 -10.43 0.51 -6.86
CA LEU A 325 -9.86 0.31 -5.53
C LEU A 325 -8.63 1.19 -5.42
N ASP A 326 -8.45 1.85 -4.29
CA ASP A 326 -7.27 2.68 -4.11
C ASP A 326 -6.17 1.70 -3.72
N VAL A 327 -4.93 2.11 -3.86
CA VAL A 327 -3.82 1.23 -3.53
C VAL A 327 -3.08 1.65 -2.25
N ASN A 328 -2.71 0.66 -1.45
CA ASN A 328 -1.98 0.91 -0.21
C ASN A 328 -0.68 0.11 -0.32
N PHE A 329 0.46 0.80 -0.35
N PHE A 329 0.44 0.81 -0.44
N PHE A 329 0.45 0.81 -0.40
CA PHE A 329 1.74 0.13 -0.42
CA PHE A 329 1.71 0.12 -0.55
CA PHE A 329 1.73 0.13 -0.49
C PHE A 329 2.52 0.32 0.89
C PHE A 329 2.33 0.03 0.84
C PHE A 329 2.29 0.01 0.93
N THR A 330 3.66 -0.34 1.03
N THR A 330 2.53 -1.20 1.29
N THR A 330 2.58 -1.23 1.31
CA THR A 330 4.46 -0.24 2.26
CA THR A 330 3.07 -1.47 2.62
CA THR A 330 3.07 -1.57 2.65
C THR A 330 5.94 -0.05 2.01
C THR A 330 4.59 -1.67 2.66
C THR A 330 4.39 -0.99 3.15
N CYS A 331 6.75 -0.18 3.06
N CYS A 331 5.31 -0.64 3.10
N CYS A 331 5.32 -0.66 2.27
CA CYS A 331 8.21 -0.03 2.97
CA CYS A 331 6.77 -0.63 3.23
CA CYS A 331 6.61 -0.14 2.72
C CYS A 331 8.65 1.39 2.67
C CYS A 331 7.39 0.60 2.60
C CYS A 331 6.90 1.30 2.28
N LEU A 332 7.81 2.35 3.03
N LEU A 332 7.48 1.69 3.37
N LEU A 332 7.49 2.09 3.18
CA LEU A 332 8.12 3.76 2.80
CA LEU A 332 8.05 2.94 2.86
CA LEU A 332 7.81 3.48 2.88
C LEU A 332 9.21 4.29 3.71
C LEU A 332 9.15 3.54 3.73
C LEU A 332 9.02 4.06 3.61
N GLU A 333 9.49 3.55 4.78
N GLU A 333 9.30 3.04 4.95
N GLU A 333 9.35 3.52 4.78
CA GLU A 333 10.51 3.98 5.73
CA GLU A 333 10.31 3.58 5.87
CA GLU A 333 10.46 4.06 5.58
C GLU A 333 11.89 3.43 5.42
C GLU A 333 11.70 3.00 5.68
C GLU A 333 11.87 3.55 5.27
N MET A 334 11.98 2.49 4.49
CA MET A 334 13.30 1.91 4.19
C MET A 334 14.08 2.52 3.03
N THR A 335 15.38 2.24 3.01
CA THR A 335 16.28 2.74 1.96
C THR A 335 16.91 1.56 1.21
N ASP A 336 17.41 1.81 0.01
CA ASP A 336 18.02 0.76 -0.80
C ASP A 336 19.38 0.29 -0.27
N LYS A 337 19.66 -0.99 -0.48
CA LYS A 337 20.93 -1.62 -0.09
C LYS A 337 21.43 -2.34 -1.33
N GLY A 338 20.67 -3.32 -1.80
CA GLY A 338 21.04 -4.05 -3.00
C GLY A 338 22.31 -4.87 -2.95
N SER A 339 22.72 -5.27 -1.75
CA SER A 339 23.93 -6.06 -1.63
C SER A 339 23.64 -7.48 -1.17
N TYR A 340 24.58 -8.37 -1.44
CA TYR A 340 24.47 -9.76 -1.03
C TYR A 340 24.34 -9.69 0.50
N PRO A 341 23.51 -10.54 1.11
CA PRO A 341 22.68 -11.57 0.46
C PRO A 341 21.20 -11.21 0.33
N GLU A 342 20.76 -10.09 0.88
CA GLU A 342 19.34 -9.74 0.78
C GLU A 342 18.93 -9.11 -0.55
N TYR A 343 19.87 -8.44 -1.22
CA TYR A 343 19.59 -7.76 -2.49
C TYR A 343 18.28 -7.00 -2.36
N SER A 344 18.20 -6.18 -1.32
CA SER A 344 17.01 -5.40 -1.00
C SER A 344 17.00 -3.98 -1.57
N MET A 345 15.91 -3.64 -2.26
CA MET A 345 15.75 -2.33 -2.88
C MET A 345 14.34 -1.78 -2.65
N PRO A 346 13.96 -1.55 -1.37
CA PRO A 346 12.64 -1.03 -0.99
C PRO A 346 12.29 0.34 -1.54
N LYS A 347 13.25 1.26 -1.52
CA LYS A 347 12.99 2.61 -1.97
C LYS A 347 12.76 2.67 -3.47
N THR A 348 13.58 1.94 -4.22
CA THR A 348 13.42 1.92 -5.67
C THR A 348 12.04 1.33 -5.98
N LEU A 349 11.69 0.29 -5.24
CA LEU A 349 10.41 -0.36 -5.43
C LEU A 349 9.26 0.61 -5.18
N VAL A 350 9.34 1.35 -4.08
CA VAL A 350 8.31 2.32 -3.74
C VAL A 350 8.21 3.39 -4.81
N GLN A 351 9.35 3.89 -5.27
CA GLN A 351 9.36 4.93 -6.30
C GLN A 351 8.67 4.45 -7.56
N ASN A 352 8.92 3.19 -7.91
CA ASN A 352 8.35 2.60 -9.11
C ASN A 352 6.83 2.49 -8.99
N ILE A 353 6.35 1.93 -7.88
CA ILE A 353 4.91 1.78 -7.66
C ILE A 353 4.20 3.14 -7.66
N ALA A 354 4.79 4.11 -6.98
CA ALA A 354 4.21 5.44 -6.89
C ALA A 354 4.05 6.05 -8.27
N THR A 355 5.13 6.03 -9.04
CA THR A 355 5.13 6.56 -10.39
C THR A 355 4.00 5.95 -11.20
N LEU A 356 3.98 4.61 -11.24
CA LEU A 356 2.96 3.89 -11.98
C LEU A 356 1.56 4.28 -11.55
N ALA A 357 1.34 4.29 -10.23
CA ALA A 357 0.03 4.64 -9.67
C ALA A 357 -0.39 6.06 -10.05
N ASN A 358 0.55 6.99 -10.02
CA ASN A 358 0.26 8.37 -10.36
C ASN A 358 -0.15 8.49 -11.83
N GLU A 359 0.58 7.78 -12.69
CA GLU A 359 0.30 7.82 -14.12
C GLU A 359 -1.10 7.31 -14.43
N LYS A 360 -1.47 6.20 -13.78
CA LYS A 360 -2.77 5.58 -14.00
C LYS A 360 -3.85 6.33 -13.25
N GLY A 361 -3.44 7.30 -12.44
CA GLY A 361 -4.41 8.07 -11.67
C GLY A 361 -5.03 7.29 -10.53
N ILE A 362 -4.23 6.49 -9.83
CA ILE A 362 -4.76 5.71 -8.71
C ILE A 362 -4.37 6.34 -7.37
N VAL A 363 -5.37 6.53 -6.50
CA VAL A 363 -5.14 7.11 -5.18
C VAL A 363 -4.15 6.24 -4.45
N LEU A 364 -3.05 6.85 -4.02
CA LEU A 364 -1.99 6.12 -3.35
C LEU A 364 -1.88 6.33 -1.83
N ASN A 365 -1.81 5.23 -1.10
CA ASN A 365 -1.69 5.27 0.35
C ASN A 365 -0.47 4.43 0.71
N GLY A 366 0.11 4.67 1.89
CA GLY A 366 1.27 3.90 2.27
C GLY A 366 1.37 3.61 3.76
N GLU A 367 2.32 2.74 4.12
CA GLU A 367 2.55 2.35 5.52
C GLU A 367 4.03 2.05 5.71
N ASN A 368 4.43 1.91 6.96
CA ASN A 368 5.80 1.55 7.25
C ASN A 368 5.74 0.05 7.45
N ALA A 369 6.77 -0.66 6.99
CA ALA A 369 6.78 -2.12 7.12
C ALA A 369 7.09 -2.58 8.54
N LEU A 370 8.06 -1.93 9.18
CA LEU A 370 8.45 -2.29 10.54
C LEU A 370 8.27 -1.12 11.50
N SER A 371 8.26 -1.41 12.80
CA SER A 371 8.10 -0.38 13.82
C SER A 371 9.21 0.65 13.67
N ILE A 372 8.85 1.92 13.87
CA ILE A 372 9.81 3.01 13.76
C ILE A 372 10.17 3.48 15.16
N GLY A 373 11.45 3.39 15.51
CA GLY A 373 11.86 3.82 16.83
C GLY A 373 12.81 4.98 16.75
N ASN A 374 12.94 5.57 15.56
CA ASN A 374 13.85 6.67 15.38
C ASN A 374 13.37 7.71 14.37
N GLU A 375 13.58 8.98 14.72
CA GLU A 375 13.18 10.11 13.89
C GLU A 375 13.62 10.02 12.44
N GLU A 376 14.81 9.50 12.20
CA GLU A 376 15.33 9.38 10.84
C GLU A 376 14.38 8.63 9.90
N GLU A 377 13.73 7.57 10.41
CA GLU A 377 12.79 6.83 9.58
C GLU A 377 11.57 7.67 9.22
N TYR A 378 11.15 8.54 10.13
CA TYR A 378 10.00 9.38 9.86
C TYR A 378 10.33 10.29 8.68
N LYS A 379 11.58 10.72 8.60
CA LYS A 379 12.02 11.59 7.53
C LYS A 379 11.97 10.86 6.18
N ARG A 380 12.34 9.58 6.19
CA ARG A 380 12.30 8.78 4.96
C ARG A 380 10.86 8.72 4.51
N VAL A 381 9.96 8.40 5.43
CA VAL A 381 8.54 8.31 5.09
C VAL A 381 8.05 9.64 4.53
N ALA A 382 8.42 10.73 5.21
CA ALA A 382 8.02 12.07 4.79
C ALA A 382 8.52 12.33 3.37
N GLU A 383 9.79 12.05 3.11
CA GLU A 383 10.35 12.27 1.78
C GLU A 383 9.52 11.55 0.70
N MET A 384 9.17 10.30 0.94
CA MET A 384 8.38 9.53 -0.02
C MET A 384 6.94 10.00 -0.11
N ALA A 385 6.31 10.16 1.04
CA ALA A 385 4.92 10.55 1.09
C ALA A 385 4.63 11.90 0.48
N PHE A 386 5.45 12.91 0.81
CA PHE A 386 5.21 14.24 0.29
C PHE A 386 5.77 14.57 -1.07
N ASN A 387 6.63 13.70 -1.61
CA ASN A 387 7.17 13.96 -2.93
C ASN A 387 6.66 13.05 -4.03
N TYR A 388 5.88 12.03 -3.65
CA TYR A 388 5.33 11.12 -4.65
C TYR A 388 3.81 11.07 -4.63
N ASN A 389 3.21 12.16 -4.14
CA ASN A 389 1.77 12.36 -4.13
C ASN A 389 0.91 11.40 -3.32
N PHE A 390 1.40 10.91 -2.19
CA PHE A 390 0.58 10.01 -1.37
C PHE A 390 -0.60 10.75 -0.75
N ALA A 391 -1.76 10.09 -0.74
CA ALA A 391 -2.96 10.71 -0.18
C ALA A 391 -3.13 10.33 1.28
N GLY A 392 -2.44 9.28 1.72
CA GLY A 392 -2.56 8.89 3.11
C GLY A 392 -1.40 8.05 3.58
N PHE A 393 -1.15 8.09 4.88
CA PHE A 393 -0.09 7.30 5.48
C PHE A 393 -0.58 6.73 6.79
N THR A 394 -0.41 5.42 6.96
CA THR A 394 -0.85 4.74 8.18
C THR A 394 0.38 4.27 8.96
N LEU A 395 0.44 4.65 10.23
CA LEU A 395 1.58 4.25 11.04
C LEU A 395 1.31 2.96 11.81
N LEU A 396 2.21 2.01 11.65
CA LEU A 396 2.12 0.76 12.40
C LEU A 396 3.21 0.97 13.46
N ARG A 397 2.86 0.88 14.74
CA ARG A 397 1.52 0.59 15.18
C ARG A 397 1.25 1.33 16.49
N TYR A 398 -0.03 1.43 16.83
CA TYR A 398 -0.55 2.08 18.04
C TYR A 398 0.40 2.34 19.22
N GLN A 399 0.86 1.27 19.86
CA GLN A 399 1.73 1.36 21.03
C GLN A 399 3.05 2.09 20.82
N ASP A 400 3.57 2.07 19.61
CA ASP A 400 4.85 2.71 19.35
C ASP A 400 4.89 4.20 19.67
N VAL A 401 3.81 4.93 19.40
CA VAL A 401 3.81 6.35 19.68
C VAL A 401 2.92 6.68 20.87
N MET A 402 1.90 5.86 21.09
CA MET A 402 0.98 6.12 22.18
C MET A 402 1.69 6.05 23.53
N TYR A 403 2.76 5.26 23.63
CA TYR A 403 3.48 5.13 24.88
C TYR A 403 4.87 5.74 24.84
N ASN A 404 5.14 6.54 23.82
CA ASN A 404 6.45 7.17 23.69
C ASN A 404 6.23 8.60 23.24
N ASN A 405 6.09 9.49 24.21
CA ASN A 405 5.83 10.90 23.98
C ASN A 405 6.80 11.61 23.05
N SER A 406 8.09 11.34 23.17
CA SER A 406 9.05 12.01 22.30
C SER A 406 8.86 11.56 20.86
N LEU A 407 8.60 10.27 20.68
CA LEU A 407 8.38 9.70 19.36
C LEU A 407 7.11 10.31 18.77
N MET A 408 6.04 10.31 19.57
CA MET A 408 4.76 10.87 19.14
C MET A 408 4.94 12.33 18.72
N GLY A 409 5.85 13.03 19.39
CA GLY A 409 6.10 14.41 19.07
C GLY A 409 6.80 14.60 17.74
N LYS A 410 7.74 13.70 17.43
CA LYS A 410 8.47 13.79 16.17
C LYS A 410 7.54 13.48 15.02
N PHE A 411 6.59 12.58 15.25
CA PHE A 411 5.64 12.21 14.23
C PHE A 411 4.70 13.39 13.93
N LYS A 412 4.23 14.05 14.98
CA LYS A 412 3.34 15.19 14.81
C LYS A 412 3.99 16.25 13.94
N ASP A 413 5.25 16.54 14.22
CA ASP A 413 5.97 17.56 13.46
C ASP A 413 6.22 17.16 12.02
N LEU A 414 6.73 15.95 11.81
CA LEU A 414 7.06 15.48 10.47
C LEU A 414 5.99 14.84 9.62
N LEU A 415 5.08 14.10 10.24
CA LEU A 415 4.05 13.40 9.49
C LEU A 415 2.60 13.78 9.79
N GLY A 416 2.30 14.15 11.02
CA GLY A 416 0.93 14.51 11.36
C GLY A 416 0.57 15.91 10.94
N VAL A 417 0.84 16.26 9.68
CA VAL A 417 0.55 17.61 9.18
C VAL A 417 -0.77 17.76 8.47
N THR A 418 -1.26 18.99 8.42
CA THR A 418 -2.51 19.31 7.74
C THR A 418 -2.14 20.22 6.58
N PRO A 419 -2.38 19.78 5.35
CA PRO A 419 -2.04 20.61 4.19
C PRO A 419 -2.96 21.82 4.01
N VAL A 420 -2.36 22.96 3.72
CA VAL A 420 -3.11 24.19 3.51
C VAL A 420 -2.53 24.91 2.28
N MET A 421 -3.41 25.37 1.41
CA MET A 421 -2.98 26.05 0.19
C MET A 421 -2.50 27.46 0.52
N GLN A 422 -1.34 27.81 0.01
CA GLN A 422 -0.79 29.14 0.25
C GLN A 422 -0.23 29.70 -1.04
N THR A 423 -0.19 31.02 -1.14
CA THR A 423 0.34 31.64 -2.32
C THR A 423 1.74 32.14 -2.05
N ILE A 424 2.67 31.74 -2.89
CA ILE A 424 4.03 32.19 -2.74
C ILE A 424 4.25 33.13 -3.90
N VAL A 425 4.74 34.32 -3.59
CA VAL A 425 5.02 35.34 -4.60
C VAL A 425 6.47 35.77 -4.45
N VAL A 426 7.16 35.92 -5.57
CA VAL A 426 8.55 36.34 -5.56
C VAL A 426 8.70 37.47 -6.57
N LYS A 427 9.18 38.60 -6.11
CA LYS A 427 9.34 39.77 -6.96
C LYS A 427 10.77 40.04 -7.38
N ASN A 428 10.89 40.83 -8.43
CA ASN A 428 12.19 41.25 -8.98
C ASN A 428 13.12 40.15 -9.45
N VAL A 429 12.58 39.01 -9.88
CA VAL A 429 13.43 37.92 -10.36
C VAL A 429 13.98 38.27 -11.75
N PRO A 430 15.31 38.24 -11.89
CA PRO A 430 15.99 38.57 -13.14
C PRO A 430 15.94 37.43 -14.16
N THR A 431 14.73 37.00 -14.50
CA THR A 431 14.57 35.91 -15.46
C THR A 431 14.72 36.37 -16.90
N THR A 432 15.28 35.50 -17.73
CA THR A 432 15.45 35.79 -19.14
C THR A 432 14.66 34.70 -19.88
N ILE A 433 14.22 35.02 -21.09
CA ILE A 433 13.46 34.07 -21.89
C ILE A 433 14.10 32.69 -21.83
N GLY A 434 13.30 31.69 -21.47
CA GLY A 434 13.79 30.33 -21.36
C GLY A 434 13.90 29.81 -19.94
N ASP A 435 14.01 30.72 -18.97
CA ASP A 435 14.12 30.33 -17.57
C ASP A 435 12.76 30.14 -16.92
N THR A 436 12.77 29.42 -15.81
CA THR A 436 11.58 29.17 -15.02
C THR A 436 12.02 29.24 -13.55
N VAL A 437 11.13 29.68 -12.68
CA VAL A 437 11.44 29.80 -11.27
C VAL A 437 10.78 28.71 -10.43
N TYR A 438 11.55 28.15 -9.52
CA TYR A 438 11.06 27.12 -8.60
C TYR A 438 11.46 27.54 -7.19
N ILE A 439 10.89 26.86 -6.21
CA ILE A 439 11.23 27.10 -4.83
C ILE A 439 11.54 25.73 -4.24
N THR A 440 12.45 25.71 -3.29
CA THR A 440 12.80 24.47 -2.61
C THR A 440 13.07 24.89 -1.17
N GLY A 441 12.79 24.01 -0.22
CA GLY A 441 12.99 24.36 1.18
C GLY A 441 13.45 23.21 2.05
N ASN A 442 13.51 23.46 3.35
CA ASN A 442 13.99 22.45 4.29
C ASN A 442 13.13 21.23 4.55
N ARG A 443 11.81 21.38 4.57
CA ARG A 443 10.97 20.22 4.83
C ARG A 443 10.70 19.36 3.60
N ALA A 444 10.37 18.10 3.85
CA ALA A 444 10.10 17.17 2.77
C ALA A 444 8.98 17.69 1.88
N GLU A 445 8.03 18.40 2.46
CA GLU A 445 6.94 18.93 1.65
C GLU A 445 7.46 20.00 0.68
N LEU A 446 8.72 20.40 0.87
CA LEU A 446 9.33 21.39 0.00
C LEU A 446 10.49 20.85 -0.82
N GLY A 447 10.67 19.53 -0.82
CA GLY A 447 11.74 18.92 -1.59
C GLY A 447 13.05 18.75 -0.86
N SER A 448 13.13 19.23 0.39
CA SER A 448 14.35 19.12 1.17
C SER A 448 15.59 19.64 0.45
N TRP A 449 15.51 20.88 -0.03
CA TRP A 449 16.62 21.52 -0.73
C TRP A 449 17.09 20.83 -2.01
N ASP A 450 16.23 19.99 -2.58
CA ASP A 450 16.59 19.30 -3.81
C ASP A 450 16.16 20.14 -5.01
N THR A 451 17.06 20.30 -5.97
CA THR A 451 16.78 21.09 -7.16
C THR A 451 16.61 20.20 -8.39
N LYS A 452 16.96 18.93 -8.24
CA LYS A 452 16.88 17.99 -9.35
C LYS A 452 15.48 17.43 -9.58
N GLN A 453 14.98 16.65 -8.61
CA GLN A 453 13.68 16.02 -8.76
C GLN A 453 12.48 16.66 -8.09
N TYR A 454 12.68 17.14 -6.86
CA TYR A 454 11.55 17.67 -6.09
C TYR A 454 11.23 19.16 -6.02
N PRO A 455 11.94 20.02 -6.76
CA PRO A 455 11.56 21.43 -6.63
C PRO A 455 10.14 21.73 -7.10
N ILE A 456 9.55 22.76 -6.49
CA ILE A 456 8.19 23.17 -6.79
C ILE A 456 8.20 24.35 -7.76
N GLN A 457 7.56 24.16 -8.91
CA GLN A 457 7.53 25.20 -9.94
C GLN A 457 6.55 26.35 -9.69
N LEU A 458 7.00 27.57 -10.01
CA LEU A 458 6.16 28.75 -9.87
C LEU A 458 5.78 29.23 -11.27
N TYR A 459 4.85 30.17 -11.36
CA TYR A 459 4.41 30.67 -12.66
C TYR A 459 4.53 32.18 -12.83
N TYR A 460 5.06 32.59 -13.98
CA TYR A 460 5.25 34.00 -14.26
C TYR A 460 3.92 34.72 -14.39
N ASP A 461 3.87 35.96 -13.89
CA ASP A 461 2.67 36.79 -13.95
C ASP A 461 3.03 38.00 -14.80
N SER A 462 2.70 37.92 -16.09
CA SER A 462 3.02 38.99 -17.04
C SER A 462 2.46 40.37 -16.68
N HIS A 463 1.44 40.42 -15.84
CA HIS A 463 0.83 41.69 -15.46
C HIS A 463 1.55 42.43 -14.33
N SER A 464 1.98 41.70 -13.31
CA SER A 464 2.70 42.30 -12.19
C SER A 464 4.19 42.03 -12.33
N ASN A 465 4.53 41.27 -13.35
CA ASN A 465 5.91 40.94 -13.63
C ASN A 465 6.63 40.14 -12.54
N ASP A 466 5.89 39.42 -11.70
CA ASP A 466 6.55 38.62 -10.68
C ASP A 466 6.21 37.14 -10.86
N TRP A 467 6.85 36.27 -10.08
CA TRP A 467 6.58 34.84 -10.15
C TRP A 467 5.81 34.39 -8.92
N ARG A 468 4.72 33.67 -9.16
CA ARG A 468 3.85 33.20 -8.09
C ARG A 468 3.32 31.79 -8.32
N GLY A 469 2.49 31.34 -7.40
CA GLY A 469 1.91 30.01 -7.51
C GLY A 469 1.30 29.55 -6.21
N ASN A 470 0.20 28.80 -6.32
CA ASN A 470 -0.46 28.26 -5.14
C ASN A 470 0.21 26.94 -4.81
N VAL A 471 0.79 26.87 -3.62
CA VAL A 471 1.51 25.68 -3.17
C VAL A 471 0.89 25.10 -1.92
N VAL A 472 0.84 23.77 -1.84
CA VAL A 472 0.29 23.11 -0.66
C VAL A 472 1.40 23.06 0.37
N LEU A 473 1.11 23.54 1.57
CA LEU A 473 2.11 23.54 2.64
C LEU A 473 1.58 22.96 3.94
N PRO A 474 2.50 22.56 4.83
CA PRO A 474 2.13 21.99 6.13
C PRO A 474 1.74 23.10 7.10
N ALA A 475 0.47 23.13 7.51
CA ALA A 475 0.00 24.16 8.43
C ALA A 475 0.69 24.12 9.79
N GLU A 476 0.91 25.32 10.35
CA GLU A 476 1.55 25.50 11.66
C GLU A 476 2.91 24.85 11.85
N ARG A 477 3.73 24.84 10.81
CA ARG A 477 5.07 24.29 10.91
C ARG A 477 5.98 25.39 10.37
N ASN A 478 7.20 25.44 10.88
CA ASN A 478 8.14 26.46 10.43
C ASN A 478 8.86 25.96 9.19
N ILE A 479 8.97 26.82 8.19
CA ILE A 479 9.64 26.42 6.96
C ILE A 479 10.62 27.48 6.52
N GLU A 480 11.62 27.04 5.77
CA GLU A 480 12.61 27.94 5.21
C GLU A 480 12.67 27.53 3.75
N PHE A 481 12.82 28.50 2.88
CA PHE A 481 12.87 28.22 1.45
C PHE A 481 13.53 29.35 0.68
N LYS A 482 13.89 29.05 -0.55
CA LYS A 482 14.50 30.02 -1.44
C LYS A 482 14.07 29.68 -2.84
N ALA A 483 13.84 30.72 -3.64
CA ALA A 483 13.48 30.51 -5.03
C ALA A 483 14.81 30.42 -5.78
N PHE A 484 14.78 29.89 -6.98
CA PHE A 484 15.96 29.79 -7.81
C PHE A 484 15.54 29.72 -9.26
N ILE A 485 16.47 30.03 -10.16
CA ILE A 485 16.18 30.01 -11.59
C ILE A 485 16.79 28.79 -12.26
N LYS A 486 16.00 28.17 -13.14
CA LYS A 486 16.44 27.01 -13.88
C LYS A 486 16.46 27.35 -15.37
N SER A 487 17.56 27.00 -16.04
CA SER A 487 17.73 27.26 -17.46
C SER A 487 16.82 26.38 -18.32
N LYS A 488 16.82 26.62 -19.62
CA LYS A 488 16.00 25.83 -20.54
C LYS A 488 16.47 24.38 -20.40
N ASP A 489 17.79 24.23 -20.33
CA ASP A 489 18.42 22.92 -20.22
C ASP A 489 18.35 22.31 -18.82
N GLY A 490 17.73 23.01 -17.88
CA GLY A 490 17.61 22.48 -16.54
C GLY A 490 18.78 22.73 -15.62
N THR A 491 19.58 23.75 -15.92
CA THR A 491 20.73 24.08 -15.08
C THR A 491 20.32 25.19 -14.11
N VAL A 492 20.73 25.07 -12.85
CA VAL A 492 20.40 26.08 -11.86
C VAL A 492 21.27 27.31 -12.09
N LYS A 493 20.66 28.41 -12.51
CA LYS A 493 21.41 29.64 -12.78
C LYS A 493 21.75 30.50 -11.57
N SER A 494 20.79 30.69 -10.67
CA SER A 494 21.05 31.51 -9.50
C SER A 494 19.98 31.30 -8.42
N TRP A 495 20.27 31.78 -7.22
CA TRP A 495 19.35 31.66 -6.09
C TRP A 495 18.88 33.00 -5.57
N GLN A 496 17.76 32.98 -4.87
CA GLN A 496 17.20 34.17 -4.25
C GLN A 496 18.26 34.63 -3.26
N THR A 497 18.46 35.95 -3.16
CA THR A 497 19.47 36.50 -2.27
C THR A 497 19.38 35.99 -0.83
N ILE A 498 18.28 36.31 -0.17
CA ILE A 498 18.08 35.92 1.21
C ILE A 498 17.14 34.74 1.36
N GLN A 499 17.48 33.84 2.28
CA GLN A 499 16.63 32.68 2.53
C GLN A 499 15.36 33.16 3.19
N GLN A 500 14.23 32.66 2.72
CA GLN A 500 12.95 33.07 3.29
C GLN A 500 12.49 32.08 4.34
N SER A 501 11.48 32.47 5.10
CA SER A 501 10.94 31.59 6.13
C SER A 501 9.53 32.01 6.48
N TRP A 502 8.81 31.09 7.09
CA TRP A 502 7.45 31.34 7.50
C TRP A 502 7.36 30.58 8.83
N ASN A 503 7.34 31.31 9.94
CA ASN A 503 7.30 30.68 11.25
C ASN A 503 6.11 31.03 12.12
N PRO A 504 5.04 30.24 12.02
CA PRO A 504 4.97 29.09 11.12
C PRO A 504 4.05 29.42 9.95
N VAL A 505 3.80 28.42 9.11
CA VAL A 505 2.89 28.60 7.99
C VAL A 505 1.53 28.80 8.64
N PRO A 506 0.82 29.88 8.30
CA PRO A 506 -0.50 30.13 8.89
C PRO A 506 -1.52 29.04 8.59
N LEU A 507 -2.55 28.99 9.42
CA LEU A 507 -3.59 27.99 9.24
C LEU A 507 -4.57 28.39 8.16
N LYS A 508 -4.70 29.70 7.93
CA LYS A 508 -5.62 30.19 6.91
C LYS A 508 -4.85 30.48 5.63
N THR A 509 -5.54 30.43 4.49
CA THR A 509 -4.89 30.70 3.22
C THR A 509 -4.60 32.19 3.08
N THR A 510 -3.34 32.49 2.78
CA THR A 510 -2.91 33.87 2.61
C THR A 510 -1.74 33.84 1.63
N SER A 511 -0.86 34.83 1.67
CA SER A 511 0.26 34.83 0.75
C SER A 511 1.56 35.28 1.37
N HIS A 512 2.67 34.72 0.88
CA HIS A 512 3.98 35.10 1.34
C HIS A 512 4.67 35.75 0.16
N THR A 513 4.97 37.04 0.28
CA THR A 513 5.63 37.78 -0.78
C THR A 513 7.04 38.13 -0.35
N SER A 514 7.99 37.94 -1.26
CA SER A 514 9.39 38.25 -0.96
C SER A 514 10.06 38.72 -2.23
N SER A 515 11.24 39.29 -2.07
CA SER A 515 11.99 39.78 -3.20
C SER A 515 13.23 38.96 -3.48
N TRP A 516 13.61 38.95 -4.75
CA TRP A 516 14.79 38.24 -5.17
C TRP A 516 15.98 38.87 -4.47
C2 BGC B . 3.90 -5.51 8.23
C3 BGC B . 2.87 -6.42 8.90
C4 BGC B . 1.44 -6.12 8.42
C5 BGC B . 1.38 -6.00 6.88
C6 BGC B . 0.05 -5.47 6.35
C1 BGC B . 3.71 -5.58 6.74
O1 BGC B . 4.65 -4.78 6.12
O2 BGC B . 5.23 -5.93 8.55
O3 BGC B . 2.94 -6.23 10.31
O4 BGC B . 0.58 -7.22 8.81
O5 BGC B . 2.41 -5.10 6.41
O6 BGC B . -0.35 -4.29 7.03
C1 GLC B . 0.12 -7.22 10.14
C2 GLC B . -0.67 -8.51 10.38
C3 GLC B . -1.93 -8.50 9.51
C4 GLC B . -2.75 -7.25 9.81
C5 GLC B . -1.90 -5.97 9.65
C6 GLC B . -2.61 -4.70 10.07
O2 GLC B . 0.13 -9.63 10.05
O3 GLC B . -2.70 -9.67 9.76
O4 GLC B . -3.86 -7.19 8.93
O5 GLC B . -0.69 -6.08 10.43
O6 GLC B . -3.07 -4.79 11.41
C1 GLC C . 11.58 -8.75 7.65
C2 GLC C . 11.65 -7.61 6.63
C3 GLC C . 10.25 -7.00 6.41
C4 GLC C . 9.29 -8.11 6.01
C5 GLC C . 9.27 -9.18 7.10
C6 GLC C . 8.33 -10.33 6.80
O1 GLC C . 11.25 -8.26 8.89
O2 GLC C . 12.55 -6.61 7.07
O3 GLC C . 10.31 -6.01 5.39
O4 GLC C . 7.96 -7.59 5.76
O5 GLC C . 10.59 -9.73 7.27
O6 GLC C . 8.98 -11.34 6.03
C1 GLC C . 7.46 -7.97 4.51
C2 GLC C . 7.22 -6.75 3.59
C3 GLC C . 5.88 -6.07 3.89
C4 GLC C . 4.76 -7.09 3.89
C5 GLC C . 5.07 -8.19 4.92
C6 GLC C . 4.00 -9.25 4.95
O2 GLC C . 8.27 -5.80 3.75
O3 GLC C . 5.61 -5.08 2.91
O4 GLC C . 3.54 -6.46 4.24
O5 GLC C . 6.32 -8.83 4.58
O6 GLC C . 3.74 -9.67 6.29
C1 GLC D . 11.71 -23.79 -18.49
C2 GLC D . 11.17 -23.65 -17.06
C3 GLC D . 10.58 -24.98 -16.59
C4 GLC D . 9.57 -25.52 -17.61
C5 GLC D . 10.22 -25.58 -19.00
C6 GLC D . 9.23 -26.01 -20.07
O1 GLC D . 12.77 -24.68 -18.50
O2 GLC D . 12.21 -23.25 -16.19
O3 GLC D . 9.93 -24.80 -15.35
O4 GLC D . 9.14 -26.84 -17.22
O5 GLC D . 10.70 -24.27 -19.38
O6 GLC D . 9.88 -26.26 -21.30
C1 GLC D . 7.88 -26.87 -16.62
C2 GLC D . 7.75 -28.10 -15.70
C3 GLC D . 7.52 -29.38 -16.52
C4 GLC D . 6.37 -29.20 -17.50
C5 GLC D . 6.64 -27.98 -18.38
C6 GLC D . 5.49 -27.68 -19.33
O2 GLC D . 8.93 -28.23 -14.93
O3 GLC D . 7.24 -30.45 -15.63
O4 GLC D . 6.21 -30.37 -18.30
O5 GLC D . 6.81 -26.80 -17.56
O6 GLC D . 4.31 -27.45 -18.59
C1 GLC E . 23.98 28.81 -3.27
C2 GLC E . 22.73 29.61 -2.87
C3 GLC E . 22.19 29.09 -1.53
C4 GLC E . 21.99 27.58 -1.56
C5 GLC E . 23.25 26.86 -2.08
C6 GLC E . 23.04 25.37 -2.28
O1 GLC E . 24.98 28.99 -2.34
O2 GLC E . 23.05 30.99 -2.77
O3 GLC E . 20.97 29.73 -1.23
O4 GLC E . 21.67 27.11 -0.24
O5 GLC E . 23.67 27.41 -3.34
O6 GLC E . 24.27 24.68 -2.37
C1 GLC E . 20.39 26.58 -0.07
C2 GLC E . 19.86 26.93 1.34
C3 GLC E . 20.59 26.10 2.41
C4 GLC E . 20.51 24.61 2.08
C5 GLC E . 21.07 24.37 0.68
C6 GLC E . 20.95 22.92 0.25
O2 GLC E . 20.04 28.31 1.59
O3 GLC E . 19.99 26.34 3.68
O4 GLC E . 21.25 23.86 3.04
O5 GLC E . 20.35 25.17 -0.29
O6 GLC E . 22.23 22.28 0.21
CA CA F . -21.41 -17.01 4.99
#